data_3A9K
#
_entry.id   3A9K
#
_cell.length_a   29.900
_cell.length_b   71.018
_cell.length_c   71.562
_cell.angle_alpha   90.00
_cell.angle_beta   90.00
_cell.angle_gamma   90.00
#
_symmetry.space_group_name_H-M   'P 21 21 21'
#
loop_
_entity.id
_entity.type
_entity.pdbx_description
1 polymer Ubiquitin
2 polymer Ubiquitin
3 polymer 'Mitogen-activated protein kinase kinase kinase 7-interacting protein 3'
4 non-polymer 'ZINC ION'
5 water water
#
loop_
_entity_poly.entity_id
_entity_poly.type
_entity_poly.pdbx_seq_one_letter_code
_entity_poly.pdbx_strand_id
1 'polypeptide(L)' MQIFVKTLTGKTITLEVEPSDTIENVKAKIQDKEGIPPDQQRLIFAGKQLEDGRTLSDYNIQRESTLHLVLRLRGG A
2 'polypeptide(L)' MQIFVKTLTGKTITLEVEPSDTIENVKAKIQDKEGIPPDQQRLIFAGKQLEDGRTLSDYNIQKESTLHLVLRLRGGD B
3 'polypeptide(L)' GPGHMGAPWNCDSCTFLNHPALNRCEQCEMPRYT C
#
loop_
_chem_comp.id
_chem_comp.type
_chem_comp.name
_chem_comp.formula
ZN non-polymer 'ZINC ION' 'Zn 2'
#
# COMPACT_ATOMS: atom_id res chain seq x y z
N MET A 1 18.40 -17.60 9.52
CA MET A 1 17.08 -18.10 10.01
C MET A 1 16.16 -18.34 8.83
N GLN A 2 15.05 -19.06 9.06
CA GLN A 2 14.09 -19.31 8.00
C GLN A 2 12.92 -18.37 8.20
N ILE A 3 12.46 -17.80 7.10
CA ILE A 3 11.13 -17.17 7.08
C ILE A 3 10.33 -17.76 5.91
N PHE A 4 9.04 -17.48 5.94
CA PHE A 4 8.13 -18.01 4.96
C PHE A 4 7.47 -16.86 4.26
N VAL A 5 7.24 -17.04 2.96
CA VAL A 5 6.54 -16.03 2.17
C VAL A 5 5.35 -16.68 1.51
N LYS A 6 4.15 -16.20 1.82
CA LYS A 6 2.94 -16.79 1.24
C LYS A 6 2.43 -15.94 0.09
N THR A 7 2.17 -16.57 -1.05
CA THR A 7 1.56 -15.90 -2.20
C THR A 7 0.05 -15.80 -1.99
N LEU A 8 -0.61 -14.95 -2.79
CA LEU A 8 -2.07 -14.84 -2.71
C LEU A 8 -2.77 -16.08 -3.24
N THR A 9 -2.02 -16.95 -3.89
CA THR A 9 -2.57 -18.17 -4.44
C THR A 9 -2.31 -19.33 -3.51
N GLY A 10 -1.77 -19.02 -2.32
CA GLY A 10 -1.63 -19.97 -1.24
C GLY A 10 -0.41 -20.87 -1.25
N LYS A 11 0.59 -20.52 -2.05
CA LYS A 11 1.86 -21.23 -2.04
C LYS A 11 2.76 -20.61 -0.98
N THR A 12 3.54 -21.44 -0.29
CA THR A 12 4.52 -20.95 0.67
C THR A 12 5.95 -21.16 0.13
N ILE A 13 6.70 -20.07 0.11
CA ILE A 13 8.10 -20.00 -0.30
C ILE A 13 8.89 -20.00 1.02
N THR A 14 9.92 -20.85 1.14
CA THR A 14 10.75 -20.82 2.33
C THR A 14 12.05 -20.11 1.97
N LEU A 15 12.47 -19.16 2.81
CA LEU A 15 13.69 -18.38 2.52
C LEU A 15 14.67 -18.47 3.67
N GLU A 16 15.97 -18.48 3.34
CA GLU A 16 17.00 -18.38 4.36
CA GLU A 16 17.03 -18.39 4.33
C GLU A 16 17.50 -16.94 4.38
N VAL A 17 17.36 -16.30 5.53
CA VAL A 17 17.66 -14.87 5.68
C VAL A 17 18.41 -14.56 6.98
N GLU A 18 18.88 -13.33 7.12
CA GLU A 18 19.36 -12.83 8.41
C GLU A 18 18.61 -11.54 8.75
N PRO A 19 18.46 -11.24 10.06
CA PRO A 19 17.82 -9.98 10.46
C PRO A 19 18.35 -8.71 9.76
N SER A 20 19.64 -8.71 9.39
CA SER A 20 20.28 -7.56 8.74
C SER A 20 20.03 -7.48 7.25
N ASP A 21 19.37 -8.50 6.69
CA ASP A 21 18.99 -8.46 5.28
C ASP A 21 18.01 -7.33 5.03
N THR A 22 18.21 -6.60 3.93
CA THR A 22 17.27 -5.57 3.55
C THR A 22 16.05 -6.23 2.92
N ILE A 23 14.99 -5.44 2.82
CA ILE A 23 13.80 -5.91 2.10
C ILE A 23 14.17 -6.21 0.63
N GLU A 24 15.07 -5.43 0.03
CA GLU A 24 15.48 -5.67 -1.35
C GLU A 24 16.19 -7.02 -1.46
N ASN A 25 17.02 -7.36 -0.47
CA ASN A 25 17.71 -8.66 -0.45
C ASN A 25 16.68 -9.79 -0.41
N VAL A 26 15.64 -9.59 0.38
CA VAL A 26 14.60 -10.61 0.49
C VAL A 26 13.87 -10.78 -0.83
N LYS A 27 13.55 -9.66 -1.48
CA LYS A 27 12.90 -9.71 -2.82
C LYS A 27 13.79 -10.43 -3.84
N ALA A 28 15.10 -10.21 -3.75
CA ALA A 28 16.04 -10.92 -4.63
C ALA A 28 15.98 -12.43 -4.40
N LYS A 29 15.88 -12.84 -3.14
CA LYS A 29 15.75 -14.26 -2.82
C LYS A 29 14.44 -14.84 -3.34
N ILE A 30 13.38 -14.03 -3.30
CA ILE A 30 12.10 -14.46 -3.89
C ILE A 30 12.23 -14.57 -5.40
N GLN A 31 12.90 -13.60 -6.04
CA GLN A 31 13.17 -13.74 -7.48
C GLN A 31 13.90 -15.06 -7.82
N ASP A 32 14.88 -15.45 -7.00
CA ASP A 32 15.64 -16.70 -7.25
C ASP A 32 14.72 -17.90 -7.31
N LYS A 33 13.65 -17.85 -6.51
CA LYS A 33 12.77 -19.01 -6.35
C LYS A 33 11.59 -18.95 -7.30
N GLU A 34 11.09 -17.75 -7.55
CA GLU A 34 9.80 -17.52 -8.23
C GLU A 34 9.87 -16.84 -9.57
N GLY A 35 11.03 -16.24 -9.89
CA GLY A 35 11.19 -15.54 -11.15
C GLY A 35 10.57 -14.15 -11.22
N ILE A 36 10.00 -13.70 -10.10
CA ILE A 36 9.30 -12.43 -10.07
C ILE A 36 10.31 -11.34 -9.82
N PRO A 37 10.39 -10.35 -10.72
CA PRO A 37 11.29 -9.25 -10.48
C PRO A 37 10.93 -8.49 -9.18
N PRO A 38 11.95 -8.08 -8.39
CA PRO A 38 11.67 -7.30 -7.17
C PRO A 38 10.74 -6.09 -7.38
N ASP A 39 10.85 -5.43 -8.52
CA ASP A 39 9.98 -4.29 -8.84
C ASP A 39 8.50 -4.65 -9.00
N GLN A 40 8.19 -5.95 -9.11
CA GLN A 40 6.80 -6.39 -9.17
C GLN A 40 6.32 -6.94 -7.83
N GLN A 41 7.14 -6.85 -6.79
CA GLN A 41 6.80 -7.43 -5.49
C GLN A 41 6.46 -6.38 -4.45
N ARG A 42 5.40 -6.64 -3.70
CA ARG A 42 5.13 -5.95 -2.43
C ARG A 42 5.16 -7.03 -1.35
N LEU A 43 5.82 -6.76 -0.23
CA LEU A 43 5.81 -7.68 0.92
C LEU A 43 5.04 -6.98 2.04
N ILE A 44 4.14 -7.73 2.64
CA ILE A 44 3.33 -7.26 3.74
C ILE A 44 3.65 -8.12 4.99
N PHE A 45 3.82 -7.45 6.12
CA PHE A 45 4.06 -8.13 7.39
C PHE A 45 3.43 -7.34 8.52
N ALA A 46 2.64 -8.03 9.35
CA ALA A 46 2.01 -7.43 10.53
C ALA A 46 1.30 -6.15 10.10
N GLY A 47 0.57 -6.22 8.99
CA GLY A 47 -0.27 -5.10 8.62
C GLY A 47 0.38 -4.02 7.79
N LYS A 48 1.71 -4.09 7.60
CA LYS A 48 2.49 -3.00 6.98
C LYS A 48 3.16 -3.45 5.70
N GLN A 49 3.20 -2.56 4.71
CA GLN A 49 4.02 -2.80 3.53
C GLN A 49 5.49 -2.55 3.87
N LEU A 50 6.35 -3.50 3.57
CA LEU A 50 7.79 -3.40 3.90
C LEU A 50 8.52 -2.56 2.88
N GLU A 51 9.24 -1.57 3.36
CA GLU A 51 9.88 -0.64 2.46
C GLU A 51 11.31 -1.05 2.07
N ASP A 52 11.59 -0.90 0.78
CA ASP A 52 12.94 -1.01 0.28
C ASP A 52 13.80 0.00 1.02
N GLY A 53 14.91 -0.51 1.49
CA GLY A 53 15.91 0.26 2.21
C GLY A 53 16.02 -0.22 3.63
N ARG A 54 14.93 -0.73 4.19
CA ARG A 54 14.93 -1.16 5.57
C ARG A 54 15.32 -2.62 5.66
N THR A 55 15.62 -3.06 6.88
CA THR A 55 15.97 -4.45 7.14
C THR A 55 14.85 -5.22 7.81
N LEU A 56 14.97 -6.54 7.80
CA LEU A 56 14.05 -7.38 8.54
C LEU A 56 13.98 -6.96 10.00
N SER A 57 15.15 -6.67 10.59
CA SER A 57 15.22 -6.24 11.99
C SER A 57 14.45 -4.94 12.24
N ASP A 58 14.40 -4.06 11.25
CA ASP A 58 13.65 -2.81 11.38
C ASP A 58 12.18 -3.06 11.67
N TYR A 59 11.67 -4.20 11.20
CA TYR A 59 10.25 -4.53 11.37
C TYR A 59 10.04 -5.60 12.42
N ASN A 60 11.07 -5.86 13.24
CA ASN A 60 11.04 -6.90 14.27
C ASN A 60 10.59 -8.25 13.68
N ILE A 61 11.04 -8.53 12.46
CA ILE A 61 10.74 -9.82 11.82
C ILE A 61 11.72 -10.86 12.35
N GLN A 62 11.18 -11.81 13.12
CA GLN A 62 11.97 -12.84 13.79
C GLN A 62 11.93 -14.13 13.02
N ARG A 63 12.73 -15.09 13.49
CA ARG A 63 12.72 -16.42 12.94
C ARG A 63 11.31 -17.00 12.81
N GLU A 64 11.06 -17.68 11.69
CA GLU A 64 9.80 -18.40 11.44
C GLU A 64 8.61 -17.50 11.06
N SER A 65 8.86 -16.21 10.89
CA SER A 65 7.80 -15.27 10.48
C SER A 65 7.31 -15.60 9.09
N THR A 66 6.05 -15.25 8.83
CA THR A 66 5.45 -15.36 7.49
C THR A 66 5.23 -13.95 6.95
N LEU A 67 5.75 -13.68 5.76
CA LEU A 67 5.46 -12.44 5.01
C LEU A 67 4.43 -12.78 3.96
N HIS A 68 3.71 -11.78 3.45
CA HIS A 68 2.76 -12.02 2.36
C HIS A 68 3.19 -11.30 1.12
N LEU A 69 3.28 -12.04 0.02
CA LEU A 69 3.68 -11.46 -1.26
C LEU A 69 2.47 -11.02 -2.08
N VAL A 70 2.46 -9.74 -2.45
CA VAL A 70 1.37 -9.18 -3.25
C VAL A 70 2.07 -8.63 -4.48
N LEU A 71 1.55 -8.95 -5.67
CA LEU A 71 2.19 -8.47 -6.89
C LEU A 71 1.73 -7.06 -7.24
N ARG A 72 2.58 -6.32 -7.94
CA ARG A 72 2.23 -4.98 -8.40
C ARG A 72 2.72 -4.87 -9.82
N LEU A 73 2.15 -3.94 -10.58
CA LEU A 73 2.73 -3.54 -11.84
C LEU A 73 4.01 -2.77 -11.53
N ARG A 74 5.07 -3.00 -12.30
CA ARG A 74 6.32 -2.27 -12.12
C ARG A 74 6.04 -0.77 -12.26
N GLY A 75 6.59 0.02 -11.34
CA GLY A 75 6.43 1.46 -11.40
C GLY A 75 7.39 2.02 -12.42
N GLY A 76 6.92 3.00 -13.20
CA GLY A 76 7.74 3.62 -14.24
C GLY A 76 8.35 4.93 -13.80
N MET B 1 4.73 14.85 -11.69
CA MET B 1 4.71 13.43 -11.27
C MET B 1 3.27 12.93 -11.42
N GLN B 2 3.06 11.73 -11.96
CA GLN B 2 1.71 11.19 -12.07
C GLN B 2 1.36 10.37 -10.86
N ILE B 3 0.19 10.62 -10.29
CA ILE B 3 -0.38 9.70 -9.32
C ILE B 3 -1.79 9.29 -9.79
N PHE B 4 -2.30 8.20 -9.23
CA PHE B 4 -3.62 7.73 -9.57
C PHE B 4 -4.56 7.95 -8.38
N VAL B 5 -5.82 8.24 -8.68
CA VAL B 5 -6.84 8.30 -7.64
C VAL B 5 -8.00 7.43 -8.05
N LYS B 6 -8.34 6.45 -7.20
CA LYS B 6 -9.53 5.62 -7.40
C LYS B 6 -10.71 6.42 -6.89
N THR B 7 -11.65 6.73 -7.78
CA THR B 7 -12.69 7.68 -7.48
C THR B 7 -13.90 6.99 -6.90
N LEU B 8 -14.91 7.77 -6.57
CA LEU B 8 -16.11 7.21 -5.95
C LEU B 8 -16.82 6.21 -6.86
N THR B 9 -16.74 6.41 -8.17
CA THR B 9 -17.43 5.57 -9.15
C THR B 9 -16.70 4.23 -9.40
N GLY B 10 -15.47 4.11 -8.92
CA GLY B 10 -14.63 2.96 -9.26
C GLY B 10 -13.73 3.16 -10.46
N LYS B 11 -13.85 4.31 -11.11
CA LYS B 11 -12.91 4.67 -12.15
C LYS B 11 -11.65 5.19 -11.48
N THR B 12 -10.59 5.30 -12.26
CA THR B 12 -9.35 5.81 -11.74
C THR B 12 -8.97 6.99 -12.61
N ILE B 13 -8.55 8.08 -11.99
CA ILE B 13 -8.10 9.24 -12.72
C ILE B 13 -6.60 9.42 -12.47
N THR B 14 -5.93 10.06 -13.43
CA THR B 14 -4.53 10.40 -13.23
CA THR B 14 -4.52 10.42 -13.27
C THR B 14 -4.41 11.89 -12.88
N LEU B 15 -3.54 12.22 -11.93
CA LEU B 15 -3.25 13.61 -11.59
C LEU B 15 -1.78 13.87 -11.89
N GLU B 16 -1.48 15.06 -12.36
CA GLU B 16 -0.09 15.50 -12.47
C GLU B 16 0.20 16.48 -11.34
N VAL B 17 1.09 16.04 -10.46
CA VAL B 17 1.35 16.77 -9.21
C VAL B 17 2.85 17.00 -9.01
N GLU B 18 3.17 17.97 -8.15
CA GLU B 18 4.56 18.15 -7.75
C GLU B 18 4.98 16.98 -6.86
N PRO B 19 6.26 16.56 -6.93
CA PRO B 19 6.68 15.43 -6.10
C PRO B 19 6.37 15.59 -4.59
N SER B 20 6.42 16.82 -4.06
CA SER B 20 6.01 17.06 -2.67
C SER B 20 4.81 17.97 -2.59
N ASP B 21 3.85 17.79 -3.50
CA ASP B 21 2.74 18.68 -3.52
C ASP B 21 1.97 18.61 -2.21
N THR B 22 1.29 19.69 -1.86
CA THR B 22 0.52 19.69 -0.63
C THR B 22 -0.76 18.85 -0.82
N ILE B 23 -1.26 18.27 0.25
CA ILE B 23 -2.50 17.51 0.20
C ILE B 23 -3.64 18.45 -0.24
N GLU B 24 -3.63 19.70 0.21
CA GLU B 24 -4.67 20.64 -0.19
C GLU B 24 -4.67 20.88 -1.71
N ASN B 25 -3.48 20.96 -2.32
CA ASN B 25 -3.38 21.14 -3.76
C ASN B 25 -3.87 19.91 -4.49
N VAL B 26 -3.56 18.73 -3.96
CA VAL B 26 -4.05 17.48 -4.56
C VAL B 26 -5.59 17.46 -4.52
N LYS B 27 -6.19 17.85 -3.39
CA LYS B 27 -7.65 17.90 -3.31
C LYS B 27 -8.22 18.93 -4.29
N ALA B 28 -7.51 20.04 -4.48
CA ALA B 28 -7.94 21.08 -5.42
C ALA B 28 -7.94 20.52 -6.85
N LYS B 29 -6.93 19.71 -7.19
CA LYS B 29 -6.85 19.06 -8.50
C LYS B 29 -7.96 18.03 -8.70
N ILE B 30 -8.25 17.28 -7.63
CA ILE B 30 -9.38 16.33 -7.66
C ILE B 30 -10.71 17.05 -7.84
N GLN B 31 -10.86 18.20 -7.18
CA GLN B 31 -12.09 18.96 -7.38
C GLN B 31 -12.22 19.40 -8.84
N ASP B 32 -11.13 19.91 -9.41
CA ASP B 32 -11.23 20.40 -10.76
C ASP B 32 -11.56 19.24 -11.72
N LYS B 33 -10.94 18.08 -11.52
CA LYS B 33 -11.04 17.00 -12.48
C LYS B 33 -12.27 16.14 -12.31
N GLU B 34 -12.64 15.90 -11.06
CA GLU B 34 -13.75 15.01 -10.72
C GLU B 34 -14.99 15.73 -10.15
N GLY B 35 -14.79 16.94 -9.63
CA GLY B 35 -15.90 17.78 -9.24
C GLY B 35 -16.25 17.72 -7.76
N ILE B 36 -15.52 16.93 -6.97
CA ILE B 36 -15.86 16.76 -5.54
C ILE B 36 -15.27 17.89 -4.71
N PRO B 37 -16.11 18.60 -3.93
CA PRO B 37 -15.51 19.67 -3.11
C PRO B 37 -14.46 19.15 -2.11
N PRO B 38 -13.33 19.86 -1.93
CA PRO B 38 -12.27 19.34 -1.06
C PRO B 38 -12.77 18.97 0.34
N ASP B 39 -13.68 19.76 0.90
CA ASP B 39 -14.32 19.42 2.19
C ASP B 39 -15.03 18.07 2.24
N GLN B 40 -15.47 17.56 1.09
CA GLN B 40 -16.17 16.28 1.04
C GLN B 40 -15.22 15.12 0.71
N GLN B 41 -13.96 15.43 0.42
CA GLN B 41 -13.00 14.41 0.05
C GLN B 41 -12.34 13.81 1.28
N ARG B 42 -12.23 12.50 1.27
CA ARG B 42 -11.33 11.84 2.18
C ARG B 42 -10.43 10.96 1.31
N LEU B 43 -9.13 11.17 1.43
CA LEU B 43 -8.14 10.47 0.64
C LEU B 43 -7.38 9.49 1.51
N ILE B 44 -7.28 8.25 1.05
CA ILE B 44 -6.62 7.19 1.80
C ILE B 44 -5.41 6.70 1.01
N PHE B 45 -4.28 6.57 1.71
CA PHE B 45 -3.12 5.90 1.15
C PHE B 45 -2.43 5.12 2.25
N ALA B 46 -2.08 3.85 1.97
CA ALA B 46 -1.40 3.00 2.95
C ALA B 46 -2.17 2.89 4.29
N GLY B 47 -3.50 2.82 4.17
CA GLY B 47 -4.39 2.67 5.31
C GLY B 47 -4.61 3.93 6.14
N LYS B 48 -4.03 5.05 5.67
CA LYS B 48 -4.04 6.32 6.39
C LYS B 48 -4.81 7.39 5.63
N GLN B 49 -5.59 8.18 6.35
CA GLN B 49 -6.22 9.36 5.78
C GLN B 49 -5.16 10.45 5.61
N LEU B 50 -5.16 11.07 4.43
CA LEU B 50 -4.24 12.16 4.11
C LEU B 50 -4.73 13.48 4.68
N GLU B 51 -3.83 14.21 5.34
CA GLU B 51 -4.22 15.42 6.05
C GLU B 51 -3.79 16.69 5.35
N ASP B 52 -4.68 17.69 5.32
CA ASP B 52 -4.29 19.04 4.91
C ASP B 52 -3.14 19.55 5.78
N GLY B 53 -2.29 20.39 5.22
CA GLY B 53 -1.08 20.80 5.94
C GLY B 53 0.09 19.84 5.83
N ARG B 54 -0.13 18.69 5.20
CA ARG B 54 0.98 17.79 4.91
C ARG B 54 1.24 17.76 3.40
N THR B 55 2.30 17.09 3.01
CA THR B 55 2.62 16.95 1.57
C THR B 55 2.65 15.47 1.18
N LEU B 56 2.69 15.21 -0.13
CA LEU B 56 2.80 13.82 -0.62
C LEU B 56 4.01 13.08 -0.03
N SER B 57 5.13 13.79 0.11
CA SER B 57 6.33 13.16 0.62
C SER B 57 6.24 12.76 2.10
N ASP B 58 5.39 13.44 2.87
CA ASP B 58 5.10 13.02 4.26
C ASP B 58 4.52 11.60 4.32
N TYR B 59 3.86 11.18 3.24
CA TYR B 59 3.25 9.87 3.18
C TYR B 59 3.99 8.91 2.29
N ASN B 60 5.16 9.31 1.81
CA ASN B 60 5.96 8.49 0.90
C ASN B 60 5.15 8.09 -0.34
N ILE B 61 4.36 9.05 -0.83
CA ILE B 61 3.63 8.88 -2.06
C ILE B 61 4.56 9.20 -3.23
N GLN B 62 4.70 8.26 -4.16
CA GLN B 62 5.69 8.39 -5.23
C GLN B 62 5.02 8.24 -6.59
N LYS B 63 5.80 8.28 -7.66
CA LYS B 63 5.20 8.26 -8.95
C LYS B 63 4.40 6.96 -9.12
N GLU B 64 3.21 7.13 -9.67
CA GLU B 64 2.30 6.01 -9.98
C GLU B 64 1.73 5.31 -8.75
N SER B 65 1.83 5.97 -7.59
CA SER B 65 1.08 5.55 -6.39
C SER B 65 -0.41 5.74 -6.63
N THR B 66 -1.21 4.92 -5.94
CA THR B 66 -2.66 5.00 -6.05
C THR B 66 -3.30 5.42 -4.73
N LEU B 67 -4.04 6.51 -4.76
CA LEU B 67 -4.80 6.98 -3.58
C LEU B 67 -6.24 6.58 -3.76
N HIS B 68 -6.96 6.43 -2.65
CA HIS B 68 -8.37 6.04 -2.70
C HIS B 68 -9.24 7.13 -2.15
N LEU B 69 -10.20 7.53 -2.97
CA LEU B 69 -11.12 8.56 -2.58
C LEU B 69 -12.36 7.92 -1.96
N VAL B 70 -12.73 8.41 -0.79
CA VAL B 70 -13.91 7.96 -0.08
C VAL B 70 -14.67 9.22 0.37
N LEU B 71 -15.98 9.10 0.57
CA LEU B 71 -16.76 10.24 1.03
C LEU B 71 -16.46 10.53 2.50
N ARG B 72 -16.26 11.81 2.79
CA ARG B 72 -16.13 12.29 4.16
C ARG B 72 -17.54 12.72 4.58
N LEU B 73 -18.04 12.27 5.74
CA LEU B 73 -17.37 11.39 6.71
C LEU B 73 -17.72 9.91 6.43
N ARG B 74 -17.82 9.01 7.43
CA ARG B 74 -18.09 9.29 8.86
C ARG B 74 -16.87 9.09 9.77
N GLY B 75 -15.72 9.59 9.33
CA GLY B 75 -14.47 9.49 10.09
C GLY B 75 -14.44 10.33 11.35
N GLY B 76 -14.32 11.65 11.21
CA GLY B 76 -14.18 12.29 9.91
C GLY B 76 -13.61 13.69 10.04
N ASP B 77 -13.01 13.96 11.21
CA ASP B 77 -12.47 15.28 11.53
C ASP B 77 -13.36 16.47 11.18
N GLY C 6 -15.75 2.32 12.02
CA GLY C 6 -15.12 1.46 13.06
C GLY C 6 -13.59 1.45 13.01
N ALA C 7 -13.01 0.29 13.32
CA ALA C 7 -11.57 0.16 13.56
C ALA C 7 -10.81 -0.21 12.29
N PRO C 8 -9.54 0.22 12.18
CA PRO C 8 -8.72 -0.32 11.07
C PRO C 8 -8.69 -1.84 11.15
N TRP C 9 -8.75 -2.48 9.99
CA TRP C 9 -8.99 -3.92 9.89
C TRP C 9 -7.90 -4.61 9.07
N ASN C 10 -7.48 -5.79 9.53
CA ASN C 10 -6.48 -6.55 8.80
C ASN C 10 -7.14 -7.43 7.75
N CYS C 11 -6.61 -7.35 6.54
CA CYS C 11 -7.04 -8.23 5.47
C CYS C 11 -6.77 -9.69 5.79
N ASP C 12 -7.79 -10.53 5.62
CA ASP C 12 -7.68 -11.97 5.86
C ASP C 12 -6.60 -12.66 5.04
N SER C 13 -6.33 -12.14 3.84
CA SER C 13 -5.36 -12.75 2.96
C SER C 13 -3.94 -12.27 3.17
N CYS C 14 -3.73 -10.95 3.13
CA CYS C 14 -2.36 -10.41 3.10
C CYS C 14 -1.94 -9.73 4.39
N THR C 15 -2.89 -9.62 5.32
CA THR C 15 -2.72 -8.98 6.66
C THR C 15 -2.71 -7.45 6.62
N PHE C 16 -2.71 -6.83 5.44
CA PHE C 16 -2.62 -5.37 5.41
C PHE C 16 -3.65 -4.69 6.30
N LEU C 17 -3.19 -3.72 7.09
CA LEU C 17 -4.05 -3.00 8.03
C LEU C 17 -4.71 -1.83 7.29
N ASN C 18 -5.98 -2.02 6.95
CA ASN C 18 -6.73 -1.12 6.07
C ASN C 18 -7.55 -0.10 6.83
N HIS C 19 -7.79 1.03 6.18
CA HIS C 19 -8.61 2.08 6.75
C HIS C 19 -10.05 1.61 6.80
N PRO C 20 -10.78 1.95 7.90
CA PRO C 20 -12.18 1.49 8.03
C PRO C 20 -13.15 2.00 6.97
N ALA C 21 -12.77 3.07 6.25
CA ALA C 21 -13.63 3.59 5.19
C ALA C 21 -13.55 2.76 3.92
N LEU C 22 -12.58 1.84 3.85
CA LEU C 22 -12.45 0.99 2.67
C LEU C 22 -13.07 -0.38 2.93
N ASN C 23 -13.75 -0.88 1.90
CA ASN C 23 -14.50 -2.15 1.91
C ASN C 23 -13.72 -3.31 1.31
N ARG C 24 -12.62 -3.00 0.64
CA ARG C 24 -11.75 -3.98 0.00
C ARG C 24 -10.31 -3.63 0.38
N CYS C 25 -9.45 -4.64 0.42
CA CYS C 25 -8.07 -4.41 0.81
C CYS C 25 -7.35 -3.54 -0.21
N GLU C 26 -6.65 -2.51 0.29
CA GLU C 26 -5.88 -1.61 -0.55
C GLU C 26 -4.77 -2.32 -1.32
N GLN C 27 -4.23 -3.40 -0.76
CA GLN C 27 -3.14 -4.13 -1.42
C GLN C 27 -3.64 -5.17 -2.42
N CYS C 28 -4.53 -6.06 -1.97
CA CYS C 28 -4.89 -7.27 -2.75
C CYS C 28 -6.35 -7.31 -3.20
N GLU C 29 -7.10 -6.25 -2.85
CA GLU C 29 -8.49 -6.07 -3.30
C GLU C 29 -9.54 -7.07 -2.77
N MET C 30 -9.18 -7.92 -1.81
CA MET C 30 -10.15 -8.82 -1.16
CA MET C 30 -10.17 -8.81 -1.18
C MET C 30 -11.18 -8.05 -0.31
N PRO C 31 -12.50 -8.40 -0.43
CA PRO C 31 -13.49 -7.82 0.51
C PRO C 31 -13.18 -8.09 1.99
N ARG C 32 -13.54 -7.15 2.87
CA ARG C 32 -13.26 -7.25 4.31
CA ARG C 32 -13.21 -7.29 4.29
C ARG C 32 -13.84 -8.50 4.98
N TYR C 33 -15.08 -8.81 4.63
CA TYR C 33 -15.83 -9.89 5.27
C TYR C 33 -16.22 -11.00 4.30
N THR C 34 -16.40 -12.19 4.89
CA THR C 34 -17.08 -13.33 4.26
C THR C 34 -17.81 -14.10 5.33
ZN ZN D . -5.06 -7.87 1.31
#